data_8DW8
#
_entry.id   8DW8
#
_cell.length_a   55.675
_cell.length_b   145.846
_cell.length_c   46.822
_cell.angle_alpha   90.000
_cell.angle_beta   90.000
_cell.angle_gamma   90.000
#
_symmetry.space_group_name_H-M   'P 21 21 2'
#
loop_
_entity.id
_entity.type
_entity.pdbx_description
1 polymer 'reverse transcriptase'
2 polymer "DNA (5'-D(*AP*TP*TP*AP*GP*TP*TP*A)-3')"
3 polymer "DNA (5'-D(P*TP*AP*AP*CP*TP*AP*AP*T)-3')"
4 non-polymer 'BLEOMYCIN A2'
5 water water
#
loop_
_entity_poly.entity_id
_entity_poly.type
_entity_poly.pdbx_seq_one_letter_code
_entity_poly.pdbx_strand_id
1 'polypeptide(L)'
;GSHMTWLSDFPQAWAETGGMGLAVRQAPLIIPLKATSTPVSIKQYPMSQEARLGIKPHIQRLLDQGILVPCQSPWNTPLL
PVKKPGTNDYRPVQDLREVNKRVEDIHPTVPNPYNLLSGLPPSHQWYTVLDLKDAFFCLRLHPTSQPLFAFEWRDPEMGI
SGQLTWTRLPQGFKNSPTLFDEALHRDLADFRIQHPDLILLQYVDDLLLAATSELDCQQGTRALLQTLGNLGYRASAKKA
QICQKQVKYLGYLLKEGQRLTRGSGC
;
A
2 'polydeoxyribonucleotide' (DA)(DT)(DT)(DA)(DG)(DT)(DT)(DA) B
3 'polydeoxyribonucleotide' (DT)(DA)(DA)(DC)(DT)(DA)(DA)(DT) G
#
loop_
_chem_comp.id
_chem_comp.type
_chem_comp.name
_chem_comp.formula
BLM non-polymer 'BLEOMYCIN A2' 'C55 H85 N17 O21 S3'
DA DNA linking 2'-DEOXYADENOSINE-5'-MONOPHOSPHATE 'C10 H14 N5 O6 P'
DC DNA linking 2'-DEOXYCYTIDINE-5'-MONOPHOSPHATE 'C9 H14 N3 O7 P'
DG DNA linking 2'-DEOXYGUANOSINE-5'-MONOPHOSPHATE 'C10 H14 N5 O7 P'
DT DNA linking THYMIDINE-5'-MONOPHOSPHATE 'C10 H15 N2 O8 P'
#
# COMPACT_ATOMS: atom_id res chain seq x y z
N THR A 5 -1.56 5.23 25.96
CA THR A 5 -2.55 4.48 25.22
C THR A 5 -1.89 3.45 24.31
N TRP A 6 -2.68 2.83 23.44
CA TRP A 6 -2.13 2.02 22.36
C TRP A 6 -1.08 2.79 21.57
N LEU A 7 -1.17 4.12 21.55
CA LEU A 7 -0.21 4.91 20.80
C LEU A 7 1.14 5.00 21.50
N SER A 8 1.16 4.91 22.83
CA SER A 8 2.41 5.03 23.57
C SER A 8 3.19 3.72 23.56
N ASP A 9 2.49 2.59 23.71
CA ASP A 9 3.16 1.30 23.83
C ASP A 9 3.69 0.77 22.51
N PHE A 10 3.27 1.33 21.38
CA PHE A 10 3.65 0.82 20.06
C PHE A 10 4.01 1.97 19.14
N PRO A 11 5.07 2.71 19.45
CA PRO A 11 5.45 3.83 18.56
C PRO A 11 5.76 3.38 17.15
N GLN A 12 6.39 2.22 17.00
CA GLN A 12 6.85 1.76 15.70
C GLN A 12 5.69 1.34 14.79
N ALA A 13 4.55 0.97 15.35
CA ALA A 13 3.45 0.39 14.58
C ALA A 13 2.53 1.43 13.95
N TRP A 14 2.73 2.72 14.22
CA TRP A 14 1.81 3.75 13.76
C TRP A 14 2.53 4.72 12.83
N ALA A 15 1.88 5.06 11.71
CA ALA A 15 2.43 6.06 10.81
C ALA A 15 2.60 7.41 11.51
N GLU A 16 1.72 7.71 12.46
CA GLU A 16 1.81 8.97 13.19
C GLU A 16 3.16 9.12 13.90
N THR A 17 3.65 8.03 14.52
CA THR A 17 4.83 8.08 15.34
C THR A 17 6.01 7.28 14.81
N GLY A 18 5.81 6.45 13.79
CA GLY A 18 6.83 5.48 13.42
C GLY A 18 7.71 5.85 12.24
N GLY A 19 7.33 6.88 11.49
CA GLY A 19 8.06 7.23 10.28
C GLY A 19 7.55 6.46 9.08
N MET A 20 8.23 6.67 7.95
CA MET A 20 7.84 6.01 6.71
CA MET A 20 7.85 6.01 6.71
C MET A 20 8.09 4.51 6.82
N GLY A 21 7.20 3.73 6.17
CA GLY A 21 7.29 2.29 6.23
C GLY A 21 8.24 1.68 5.22
N LEU A 22 8.53 0.39 5.42
CA LEU A 22 9.45 -0.35 4.57
C LEU A 22 9.49 -1.81 4.99
N ALA A 23 8.93 -2.70 4.17
CA ALA A 23 8.89 -4.12 4.48
C ALA A 23 10.29 -4.71 4.32
N VAL A 24 11.00 -4.85 5.44
CA VAL A 24 12.42 -5.19 5.38
C VAL A 24 12.64 -6.65 5.02
N ARG A 25 11.69 -7.53 5.33
CA ARG A 25 11.86 -8.95 5.07
C ARG A 25 11.46 -9.35 3.66
N GLN A 26 10.95 -8.42 2.86
CA GLN A 26 10.45 -8.72 1.53
C GLN A 26 11.45 -8.24 0.49
N ALA A 27 11.93 -9.17 -0.33
CA ALA A 27 12.90 -8.82 -1.36
C ALA A 27 12.27 -7.89 -2.39
N PRO A 28 13.07 -7.01 -3.02
CA PRO A 28 12.55 -6.18 -4.10
C PRO A 28 11.88 -7.01 -5.18
N LEU A 29 10.73 -6.53 -5.65
CA LEU A 29 9.93 -7.29 -6.60
C LEU A 29 10.46 -7.10 -8.02
N ILE A 30 10.48 -8.19 -8.78
CA ILE A 30 10.76 -8.16 -10.21
C ILE A 30 9.43 -8.24 -10.95
N ILE A 31 9.24 -7.39 -11.95
CA ILE A 31 7.99 -7.33 -12.70
C ILE A 31 8.19 -7.95 -14.08
N PRO A 32 7.76 -9.18 -14.31
CA PRO A 32 7.94 -9.78 -15.64
C PRO A 32 6.96 -9.23 -16.68
N LEU A 33 7.48 -8.98 -17.87
CA LEU A 33 6.66 -8.49 -18.97
C LEU A 33 6.12 -9.67 -19.80
N LYS A 34 5.16 -9.36 -20.66
CA LYS A 34 4.67 -10.35 -21.60
C LYS A 34 5.79 -10.75 -22.56
N ALA A 35 5.57 -11.85 -23.29
CA ALA A 35 6.64 -12.40 -24.12
C ALA A 35 6.93 -11.53 -25.33
N THR A 36 5.94 -10.79 -25.84
CA THR A 36 6.11 -9.95 -27.01
C THR A 36 6.34 -8.48 -26.67
N SER A 37 6.51 -8.15 -25.39
CA SER A 37 6.44 -6.77 -24.95
C SER A 37 7.73 -6.01 -25.24
N THR A 38 7.56 -4.75 -25.67
CA THR A 38 8.63 -3.81 -25.96
C THR A 38 8.34 -2.52 -25.20
N PRO A 39 9.38 -1.77 -24.83
CA PRO A 39 9.13 -0.52 -24.09
C PRO A 39 8.28 0.45 -24.91
N VAL A 40 7.33 1.09 -24.23
CA VAL A 40 6.53 2.16 -24.79
C VAL A 40 6.92 3.45 -24.09
N SER A 41 7.00 4.54 -24.85
CA SER A 41 7.41 5.84 -24.34
C SER A 41 6.41 6.89 -24.83
N ILE A 42 5.52 7.32 -23.94
CA ILE A 42 4.55 8.37 -24.22
C ILE A 42 5.13 9.68 -23.71
N LYS A 43 5.06 10.72 -24.53
CA LYS A 43 5.60 12.02 -24.14
C LYS A 43 4.67 12.70 -23.15
N GLN A 44 5.26 13.39 -22.18
CA GLN A 44 4.48 14.08 -21.17
C GLN A 44 3.55 15.10 -21.82
N TYR A 45 2.31 15.12 -21.36
CA TYR A 45 1.37 16.12 -21.85
C TYR A 45 1.70 17.49 -21.23
N PRO A 46 1.66 18.56 -22.01
CA PRO A 46 1.88 19.89 -21.43
C PRO A 46 0.96 20.14 -20.24
N MET A 47 1.56 20.52 -19.12
CA MET A 47 0.86 20.71 -17.86
C MET A 47 0.84 22.19 -17.51
N SER A 48 -0.30 22.65 -17.00
CA SER A 48 -0.43 24.03 -16.60
C SER A 48 0.43 24.32 -15.37
N GLN A 49 0.75 25.61 -15.18
CA GLN A 49 1.49 26.01 -14.00
C GLN A 49 0.72 25.68 -12.73
N GLU A 50 -0.60 25.87 -12.74
CA GLU A 50 -1.39 25.61 -11.55
C GLU A 50 -1.20 24.17 -11.07
N ALA A 51 -1.38 23.21 -11.97
CA ALA A 51 -1.19 21.81 -11.61
C ALA A 51 0.25 21.53 -11.21
N ARG A 52 1.20 22.02 -12.01
CA ARG A 52 2.62 21.80 -11.72
C ARG A 52 2.96 22.27 -10.31
N LEU A 53 2.42 23.41 -9.90
CA LEU A 53 2.65 23.90 -8.54
C LEU A 53 1.95 23.02 -7.51
N GLY A 54 0.70 22.62 -7.78
CA GLY A 54 -0.01 21.76 -6.85
C GLY A 54 0.68 20.42 -6.65
N ILE A 55 1.34 19.91 -7.68
CA ILE A 55 1.95 18.60 -7.62
C ILE A 55 3.39 18.64 -7.14
N LYS A 56 4.13 19.71 -7.45
CA LYS A 56 5.54 19.84 -7.09
C LYS A 56 5.86 19.42 -5.65
N PRO A 57 5.11 19.84 -4.63
CA PRO A 57 5.45 19.41 -3.26
C PRO A 57 5.46 17.91 -3.09
N HIS A 58 4.45 17.22 -3.63
CA HIS A 58 4.39 15.76 -3.49
C HIS A 58 5.60 15.10 -4.12
N ILE A 59 6.04 15.60 -5.27
CA ILE A 59 7.22 15.03 -5.93
C ILE A 59 8.44 15.22 -5.04
N GLN A 60 8.61 16.41 -4.47
CA GLN A 60 9.83 16.70 -3.71
C GLN A 60 9.91 15.83 -2.47
N ARG A 61 8.80 15.68 -1.74
CA ARG A 61 8.79 14.79 -0.60
C ARG A 61 9.18 13.38 -1.00
N LEU A 62 8.65 12.90 -2.12
CA LEU A 62 8.96 11.54 -2.57
C LEU A 62 10.43 11.39 -2.93
N LEU A 63 11.01 12.39 -3.59
CA LEU A 63 12.45 12.34 -3.85
C LEU A 63 13.24 12.30 -2.55
N ASP A 64 12.78 13.02 -1.53
CA ASP A 64 13.50 13.09 -0.27
C ASP A 64 13.46 11.77 0.46
N GLN A 65 12.27 11.17 0.57
CA GLN A 65 12.15 9.84 1.16
C GLN A 65 12.81 8.76 0.31
N GLY A 66 13.32 9.10 -0.88
CA GLY A 66 13.92 8.10 -1.74
C GLY A 66 12.93 7.19 -2.44
N ILE A 67 11.62 7.46 -2.30
CA ILE A 67 10.64 6.66 -3.02
C ILE A 67 10.67 7.00 -4.50
N LEU A 68 11.13 8.20 -4.85
CA LEU A 68 11.31 8.62 -6.24
C LEU A 68 12.79 8.93 -6.46
N VAL A 69 13.29 8.62 -7.65
CA VAL A 69 14.71 8.79 -7.94
C VAL A 69 14.90 9.19 -9.39
N PRO A 70 15.97 9.92 -9.70
CA PRO A 70 16.31 10.19 -11.09
C PRO A 70 16.63 8.90 -11.83
N CYS A 71 16.38 8.90 -13.13
CA CYS A 71 16.71 7.74 -13.95
C CYS A 71 16.62 8.15 -15.42
N GLN A 72 16.96 7.19 -16.27
CA GLN A 72 16.92 7.34 -17.73
C GLN A 72 16.39 6.03 -18.28
N SER A 73 15.20 6.06 -18.89
CA SER A 73 14.55 4.82 -19.27
C SER A 73 13.90 4.91 -20.65
N PRO A 74 13.93 3.82 -21.43
CA PRO A 74 13.13 3.79 -22.66
C PRO A 74 11.64 3.69 -22.41
N TRP A 75 11.22 3.46 -21.17
CA TRP A 75 9.82 3.52 -20.79
C TRP A 75 9.48 4.93 -20.33
N ASN A 76 8.26 5.38 -20.61
CA ASN A 76 7.80 6.66 -20.12
C ASN A 76 6.29 6.76 -20.26
N THR A 77 5.61 7.06 -19.16
CA THR A 77 4.17 7.24 -19.12
C THR A 77 3.81 8.63 -18.62
N PRO A 78 2.61 9.12 -18.93
CA PRO A 78 2.29 10.52 -18.62
C PRO A 78 1.82 10.72 -17.19
N LEU A 79 2.27 11.84 -16.61
CA LEU A 79 1.78 12.29 -15.32
C LEU A 79 0.54 13.13 -15.51
N LEU A 80 -0.43 12.98 -14.60
CA LEU A 80 -1.69 13.71 -14.70
C LEU A 80 -1.93 14.58 -13.47
N PRO A 81 -2.57 15.74 -13.65
CA PRO A 81 -3.07 16.49 -12.49
C PRO A 81 -4.51 16.15 -12.18
N VAL A 82 -4.81 15.82 -10.92
CA VAL A 82 -6.15 15.42 -10.51
C VAL A 82 -6.49 16.14 -9.22
N LYS A 83 -7.63 16.83 -9.21
CA LYS A 83 -8.10 17.53 -8.01
C LYS A 83 -8.90 16.59 -7.12
N THR A 87 -12.75 19.23 -3.42
CA THR A 87 -11.41 19.54 -2.92
C THR A 87 -10.51 19.96 -4.08
N ASN A 88 -9.74 21.03 -3.86
CA ASN A 88 -8.96 21.66 -4.93
C ASN A 88 -7.46 21.38 -4.81
N ASP A 89 -7.09 20.26 -4.21
CA ASP A 89 -5.68 19.88 -4.11
C ASP A 89 -5.30 18.95 -5.26
N TYR A 90 -4.13 19.19 -5.84
CA TYR A 90 -3.69 18.48 -7.03
C TYR A 90 -2.79 17.32 -6.62
N ARG A 91 -3.29 16.06 -6.83
CA ARG A 91 -2.47 14.88 -6.58
C ARG A 91 -1.80 14.42 -7.88
N PRO A 92 -0.59 13.86 -7.82
CA PRO A 92 0.01 13.28 -9.03
C PRO A 92 -0.59 11.90 -9.29
N VAL A 93 -0.95 11.64 -10.55
CA VAL A 93 -1.56 10.37 -10.92
C VAL A 93 -0.96 9.87 -12.23
N GLN A 94 -0.04 8.92 -12.13
CA GLN A 94 0.60 8.35 -13.30
C GLN A 94 -0.39 7.47 -14.06
N ASP A 95 -0.52 7.71 -15.36
CA ASP A 95 -1.32 6.87 -16.25
C ASP A 95 -0.45 5.70 -16.70
N LEU A 96 -0.63 4.54 -16.06
CA LEU A 96 0.21 3.38 -16.30
C LEU A 96 -0.46 2.32 -17.16
N ARG A 97 -1.57 2.65 -17.84
CA ARG A 97 -2.33 1.63 -18.54
C ARG A 97 -1.53 1.01 -19.68
N GLU A 98 -0.74 1.82 -20.38
CA GLU A 98 0.09 1.26 -21.45
C GLU A 98 1.21 0.39 -20.89
N VAL A 99 1.60 0.61 -19.64
CA VAL A 99 2.54 -0.30 -18.99
C VAL A 99 1.80 -1.53 -18.46
N ASN A 100 0.60 -1.32 -17.92
CA ASN A 100 -0.21 -2.46 -17.51
C ASN A 100 -0.42 -3.43 -18.66
N LYS A 101 -0.69 -2.89 -19.85
CA LYS A 101 -0.95 -3.74 -21.01
C LYS A 101 0.22 -4.67 -21.32
N ARG A 102 1.43 -4.26 -20.98
CA ARG A 102 2.63 -5.00 -21.37
C ARG A 102 3.21 -5.86 -20.25
N VAL A 103 2.65 -5.83 -19.07
CA VAL A 103 3.14 -6.63 -17.96
C VAL A 103 2.37 -7.95 -17.93
N GLU A 104 3.08 -9.03 -17.61
CA GLU A 104 2.49 -10.35 -17.59
C GLU A 104 1.43 -10.45 -16.50
N ASP A 105 0.27 -11.01 -16.84
CA ASP A 105 -0.82 -11.14 -15.88
C ASP A 105 -0.42 -12.07 -14.75
N ILE A 106 -1.06 -11.86 -13.59
CA ILE A 106 -0.90 -12.75 -12.44
C ILE A 106 -2.29 -13.14 -11.94
N HIS A 107 -2.36 -14.32 -11.33
CA HIS A 107 -3.64 -14.79 -10.83
C HIS A 107 -4.23 -13.77 -9.84
N PRO A 108 -5.54 -13.52 -9.89
CA PRO A 108 -6.15 -12.60 -8.89
C PRO A 108 -6.45 -13.31 -7.57
N THR A 109 -5.40 -13.47 -6.76
CA THR A 109 -5.53 -14.24 -5.53
C THR A 109 -6.28 -13.50 -4.43
N VAL A 110 -6.48 -12.20 -4.56
CA VAL A 110 -7.17 -11.43 -3.52
C VAL A 110 -8.66 -11.77 -3.56
N PRO A 111 -9.25 -12.23 -2.46
CA PRO A 111 -10.69 -12.53 -2.48
C PRO A 111 -11.53 -11.27 -2.41
N ASN A 112 -12.75 -11.36 -2.94
CA ASN A 112 -13.64 -10.22 -2.85
C ASN A 112 -14.18 -10.11 -1.43
N PRO A 113 -14.50 -8.88 -0.99
CA PRO A 113 -14.97 -8.71 0.40
C PRO A 113 -15.97 -9.77 0.83
N TYR A 114 -17.03 -9.97 0.04
CA TYR A 114 -18.08 -10.90 0.44
C TYR A 114 -17.50 -12.24 0.91
N ASN A 115 -16.76 -12.91 0.03
CA ASN A 115 -16.20 -14.22 0.38
C ASN A 115 -15.27 -14.11 1.59
N LEU A 116 -14.49 -13.03 1.67
CA LEU A 116 -13.62 -12.85 2.82
C LEU A 116 -14.40 -12.94 4.13
N LEU A 117 -15.59 -12.34 4.17
CA LEU A 117 -16.37 -12.31 5.40
C LEU A 117 -17.03 -13.66 5.71
N SER A 118 -17.31 -14.46 4.68
CA SER A 118 -17.96 -15.74 4.90
C SER A 118 -17.17 -16.58 5.90
N GLY A 119 -15.85 -16.49 5.87
CA GLY A 119 -15.00 -17.26 6.76
C GLY A 119 -14.84 -16.63 8.13
N LEU A 120 -15.87 -15.94 8.60
CA LEU A 120 -15.83 -15.29 9.91
C LEU A 120 -16.80 -16.01 10.85
N PRO A 121 -16.32 -16.91 11.70
CA PRO A 121 -17.22 -17.62 12.63
C PRO A 121 -17.97 -16.65 13.52
N PRO A 122 -19.03 -17.18 14.27
CA PRO A 122 -19.84 -16.18 14.99
C PRO A 122 -19.36 -16.01 16.41
N SER A 123 -18.53 -16.95 16.88
CA SER A 123 -18.01 -16.93 18.23
C SER A 123 -16.99 -15.81 18.45
N HIS A 124 -16.56 -15.15 17.39
CA HIS A 124 -15.57 -14.08 17.47
C HIS A 124 -16.31 -12.76 17.24
N GLN A 125 -16.68 -12.10 18.33
CA GLN A 125 -17.47 -10.88 18.28
C GLN A 125 -16.69 -9.66 18.77
N TRP A 126 -15.41 -9.80 19.09
CA TRP A 126 -14.56 -8.70 19.49
C TRP A 126 -13.61 -8.39 18.34
N TYR A 127 -13.65 -7.15 17.86
CA TYR A 127 -13.08 -6.79 16.57
C TYR A 127 -12.03 -5.70 16.74
N THR A 128 -10.93 -5.83 15.98
CA THR A 128 -9.98 -4.75 15.78
C THR A 128 -9.74 -4.60 14.29
N VAL A 129 -9.86 -3.38 13.79
CA VAL A 129 -9.72 -3.11 12.36
C VAL A 129 -8.58 -2.12 12.19
N LEU A 130 -7.60 -2.49 11.38
CA LEU A 130 -6.49 -1.62 11.03
C LEU A 130 -6.42 -1.50 9.51
N ASP A 131 -5.95 -0.35 9.05
CA ASP A 131 -5.62 -0.16 7.64
C ASP A 131 -4.22 0.42 7.56
N LEU A 132 -3.37 -0.22 6.78
CA LEU A 132 -1.99 0.22 6.66
C LEU A 132 -1.90 1.48 5.80
N LYS A 133 -0.98 2.36 6.17
CA LYS A 133 -0.80 3.64 5.50
C LYS A 133 0.26 3.51 4.42
N ASP A 134 -0.08 3.96 3.21
CA ASP A 134 0.82 3.91 2.06
C ASP A 134 1.42 2.51 1.90
N ALA A 135 0.53 1.51 1.88
CA ALA A 135 0.98 0.12 1.87
C ALA A 135 1.96 -0.16 0.75
N PHE A 136 1.58 0.17 -0.50
CA PHE A 136 2.40 -0.19 -1.65
C PHE A 136 3.83 0.34 -1.51
N PHE A 137 3.99 1.56 -0.98
CA PHE A 137 5.32 2.16 -0.89
C PHE A 137 6.22 1.43 0.09
N CYS A 138 5.67 0.52 0.89
CA CYS A 138 6.51 -0.27 1.78
C CYS A 138 7.21 -1.41 1.05
N LEU A 139 6.70 -1.81 -0.11
CA LEU A 139 7.29 -2.89 -0.88
C LEU A 139 8.33 -2.33 -1.84
N ARG A 140 9.53 -2.92 -1.82
CA ARG A 140 10.60 -2.45 -2.67
C ARG A 140 10.44 -2.99 -4.09
N LEU A 141 11.02 -2.27 -5.04
CA LEU A 141 11.02 -2.62 -6.45
C LEU A 141 12.44 -2.96 -6.86
N HIS A 142 12.62 -4.09 -7.54
CA HIS A 142 13.96 -4.48 -7.95
C HIS A 142 14.48 -3.50 -9.00
N PRO A 143 15.77 -3.12 -8.94
CA PRO A 143 16.28 -2.11 -9.87
C PRO A 143 16.06 -2.44 -11.34
N THR A 144 15.96 -3.72 -11.69
CA THR A 144 15.72 -4.07 -13.08
C THR A 144 14.31 -3.72 -13.51
N SER A 145 13.36 -3.69 -12.56
CA SER A 145 11.97 -3.41 -12.86
C SER A 145 11.58 -1.96 -12.66
N GLN A 146 12.48 -1.13 -12.14
CA GLN A 146 12.17 0.25 -11.83
C GLN A 146 11.99 1.11 -13.08
N PRO A 147 12.81 0.93 -14.12
CA PRO A 147 12.62 1.76 -15.33
C PRO A 147 11.24 1.66 -15.94
N LEU A 148 10.52 0.56 -15.70
CA LEU A 148 9.17 0.39 -16.24
C LEU A 148 8.31 1.62 -15.98
N PHE A 149 8.42 2.19 -14.78
CA PHE A 149 7.46 3.16 -14.28
C PHE A 149 7.97 4.59 -14.36
N ALA A 150 8.88 4.85 -15.28
CA ALA A 150 9.44 6.18 -15.42
C ALA A 150 8.41 7.15 -15.97
N PHE A 151 8.41 8.36 -15.43
CA PHE A 151 7.66 9.50 -15.97
C PHE A 151 8.63 10.67 -16.09
N GLU A 152 8.22 11.67 -16.87
CA GLU A 152 9.06 12.83 -17.12
C GLU A 152 8.64 13.93 -16.14
N TRP A 153 9.61 14.42 -15.36
CA TRP A 153 9.39 15.56 -14.47
C TRP A 153 10.12 16.76 -15.04
N ARG A 154 9.38 17.84 -15.28
CA ARG A 154 9.87 19.00 -16.00
C ARG A 154 9.34 20.24 -15.28
N ASP A 155 10.20 20.88 -14.50
CA ASP A 155 9.86 22.11 -13.79
C ASP A 155 10.57 23.26 -14.48
N PRO A 156 9.99 23.83 -15.56
CA PRO A 156 10.67 24.91 -16.29
C PRO A 156 11.30 25.98 -15.39
N GLU A 157 10.51 26.52 -14.46
CA GLU A 157 10.97 27.61 -13.61
C GLU A 157 11.89 27.10 -12.50
N MET A 158 12.99 26.48 -12.94
CA MET A 158 14.03 25.94 -12.05
C MET A 158 15.09 25.17 -12.85
N GLY A 159 14.84 24.96 -14.15
CA GLY A 159 15.78 24.23 -14.99
C GLY A 159 15.82 22.75 -14.70
N ILE A 160 14.75 22.18 -14.18
CA ILE A 160 14.70 20.78 -13.77
C ILE A 160 13.85 20.04 -14.79
N SER A 161 14.50 19.39 -15.74
CA SER A 161 13.85 18.44 -16.64
C SER A 161 14.66 17.15 -16.66
N GLY A 162 13.95 16.04 -16.82
CA GLY A 162 14.54 14.73 -16.72
C GLY A 162 13.50 13.72 -16.24
N GLN A 163 13.89 12.46 -16.26
CA GLN A 163 13.00 11.37 -15.90
C GLN A 163 13.18 10.96 -14.46
N LEU A 164 12.07 10.60 -13.82
CA LEU A 164 12.06 10.00 -12.50
C LEU A 164 11.28 8.69 -12.57
N THR A 165 11.65 7.73 -11.73
CA THR A 165 10.88 6.51 -11.60
C THR A 165 10.84 6.10 -10.14
N TRP A 166 10.08 5.04 -9.87
CA TRP A 166 9.76 4.61 -8.52
C TRP A 166 10.72 3.53 -8.04
N THR A 167 10.97 3.52 -6.72
CA THR A 167 11.71 2.45 -6.07
C THR A 167 10.81 1.52 -5.26
N ARG A 168 9.52 1.80 -5.21
CA ARG A 168 8.54 1.00 -4.48
C ARG A 168 7.39 0.65 -5.42
N LEU A 169 6.55 -0.26 -4.96
CA LEU A 169 5.38 -0.67 -5.73
C LEU A 169 4.51 0.54 -6.04
N PRO A 170 4.30 0.90 -7.30
CA PRO A 170 3.63 2.17 -7.60
C PRO A 170 2.12 2.09 -7.57
N GLN A 171 1.52 3.25 -7.28
CA GLN A 171 0.11 3.47 -7.59
C GLN A 171 -0.13 3.30 -9.09
N GLY A 172 -1.32 2.78 -9.42
CA GLY A 172 -1.74 2.67 -10.81
C GLY A 172 -1.31 1.42 -11.53
N PHE A 173 -0.45 0.60 -10.92
CA PHE A 173 0.03 -0.63 -11.53
C PHE A 173 -0.95 -1.76 -11.22
N LYS A 174 -1.41 -2.44 -12.27
CA LYS A 174 -2.53 -3.35 -12.13
C LYS A 174 -2.25 -4.45 -11.11
N ASN A 175 -0.99 -4.82 -10.89
CA ASN A 175 -0.67 -5.92 -9.98
C ASN A 175 -0.31 -5.45 -8.58
N SER A 176 -0.28 -4.15 -8.32
CA SER A 176 0.12 -3.67 -7.01
C SER A 176 -0.73 -4.25 -5.88
N PRO A 177 -2.05 -4.27 -5.98
CA PRO A 177 -2.84 -4.79 -4.84
C PRO A 177 -2.61 -6.27 -4.57
N THR A 178 -2.60 -7.10 -5.61
CA THR A 178 -2.37 -8.53 -5.42
C THR A 178 -0.98 -8.78 -4.85
N LEU A 179 0.04 -8.12 -5.41
CA LEU A 179 1.40 -8.38 -4.98
C LEU A 179 1.62 -7.96 -3.53
N PHE A 180 0.93 -6.93 -3.08
CA PHE A 180 1.07 -6.53 -1.68
C PHE A 180 0.36 -7.53 -0.76
N ASP A 181 -0.89 -7.86 -1.09
CA ASP A 181 -1.63 -8.84 -0.31
C ASP A 181 -0.82 -10.11 -0.12
N GLU A 182 -0.21 -10.60 -1.20
CA GLU A 182 0.65 -11.78 -1.10
C GLU A 182 1.86 -11.50 -0.22
N ALA A 183 2.49 -10.34 -0.40
CA ALA A 183 3.63 -10.00 0.45
C ALA A 183 3.23 -9.94 1.92
N LEU A 184 2.10 -9.30 2.22
CA LEU A 184 1.65 -9.19 3.60
C LEU A 184 1.29 -10.55 4.17
N HIS A 185 0.69 -11.43 3.35
CA HIS A 185 0.39 -12.78 3.82
C HIS A 185 1.67 -13.51 4.22
N ARG A 186 2.72 -13.38 3.41
CA ARG A 186 3.99 -14.00 3.77
C ARG A 186 4.48 -13.50 5.12
N ASP A 187 4.36 -12.20 5.37
CA ASP A 187 4.95 -11.62 6.56
C ASP A 187 4.14 -11.94 7.82
N LEU A 188 2.83 -12.15 7.69
CA LEU A 188 1.98 -12.45 8.83
C LEU A 188 1.65 -13.94 8.94
N ALA A 189 2.33 -14.79 8.19
CA ALA A 189 2.10 -16.23 8.32
C ALA A 189 2.50 -16.73 9.71
N ASP A 190 3.63 -16.24 10.23
CA ASP A 190 4.07 -16.69 11.55
C ASP A 190 3.15 -16.18 12.65
N PHE A 191 2.69 -14.93 12.54
CA PHE A 191 1.73 -14.43 13.50
C PHE A 191 0.48 -15.30 13.52
N ARG A 192 -0.01 -15.70 12.35
CA ARG A 192 -1.17 -16.58 12.30
C ARG A 192 -0.93 -17.88 13.04
N ILE A 193 0.32 -18.34 13.06
CA ILE A 193 0.62 -19.61 13.71
C ILE A 193 0.78 -19.44 15.21
N GLN A 194 1.29 -18.29 15.66
CA GLN A 194 1.45 -18.03 17.09
C GLN A 194 0.15 -17.63 17.76
N HIS A 195 -0.95 -17.51 17.02
CA HIS A 195 -2.22 -17.08 17.57
C HIS A 195 -3.33 -17.89 16.92
N PRO A 196 -3.38 -19.20 17.22
CA PRO A 196 -4.35 -20.07 16.53
C PRO A 196 -5.79 -19.71 16.80
N ASP A 197 -6.09 -19.14 17.97
CA ASP A 197 -7.46 -18.82 18.36
C ASP A 197 -7.93 -17.47 17.85
N LEU A 198 -7.08 -16.75 17.12
CA LEU A 198 -7.46 -15.48 16.52
C LEU A 198 -7.82 -15.67 15.06
N ILE A 199 -8.66 -14.77 14.55
CA ILE A 199 -9.04 -14.73 13.15
C ILE A 199 -8.52 -13.43 12.57
N LEU A 200 -7.82 -13.52 11.43
CA LEU A 200 -7.27 -12.35 10.77
C LEU A 200 -7.71 -12.36 9.32
N LEU A 201 -8.44 -11.33 8.91
CA LEU A 201 -8.82 -11.12 7.53
C LEU A 201 -7.97 -10.00 6.94
N GLN A 202 -7.44 -10.24 5.75
CA GLN A 202 -6.64 -9.25 5.03
C GLN A 202 -7.28 -8.98 3.67
N TYR A 203 -7.51 -7.70 3.38
CA TYR A 203 -7.95 -7.24 2.06
C TYR A 203 -6.94 -6.16 1.65
N VAL A 204 -5.86 -6.59 1.00
CA VAL A 204 -4.80 -5.66 0.60
C VAL A 204 -4.27 -4.96 1.85
N ASP A 205 -4.62 -3.69 2.03
CA ASP A 205 -4.14 -2.89 3.14
C ASP A 205 -5.20 -2.71 4.24
N ASP A 206 -6.14 -3.64 4.33
CA ASP A 206 -7.28 -3.52 5.24
C ASP A 206 -7.38 -4.80 6.05
N LEU A 207 -7.07 -4.72 7.33
CA LEU A 207 -6.97 -5.88 8.21
C LEU A 207 -8.11 -5.89 9.23
N LEU A 208 -8.47 -7.10 9.67
CA LEU A 208 -9.45 -7.28 10.73
C LEU A 208 -8.99 -8.43 11.61
N LEU A 209 -8.84 -8.16 12.91
CA LEU A 209 -8.54 -9.19 13.89
C LEU A 209 -9.79 -9.46 14.73
N ALA A 210 -10.02 -10.73 15.03
CA ALA A 210 -11.26 -11.13 15.68
C ALA A 210 -11.00 -12.18 16.75
N ALA A 211 -11.53 -11.94 17.95
CA ALA A 211 -11.38 -12.84 19.08
C ALA A 211 -12.72 -12.94 19.80
N THR A 212 -12.79 -13.90 20.72
CA THR A 212 -14.02 -14.11 21.49
C THR A 212 -14.10 -13.22 22.72
N SER A 213 -12.96 -12.92 23.35
CA SER A 213 -12.91 -12.04 24.50
C SER A 213 -12.28 -10.72 24.12
N GLU A 214 -12.66 -9.66 24.83
CA GLU A 214 -11.98 -8.38 24.67
C GLU A 214 -10.54 -8.44 25.15
N LEU A 215 -10.13 -9.55 25.78
CA LEU A 215 -8.78 -9.72 26.29
C LEU A 215 -7.88 -10.44 25.28
N ASP A 216 -8.31 -11.59 24.76
CA ASP A 216 -7.61 -12.21 23.64
C ASP A 216 -7.47 -11.21 22.49
N CYS A 217 -8.40 -10.27 22.38
CA CYS A 217 -8.29 -9.21 21.38
C CYS A 217 -7.19 -8.22 21.76
N GLN A 218 -7.27 -7.67 22.98
CA GLN A 218 -6.19 -6.80 23.46
C GLN A 218 -4.83 -7.48 23.29
N GLN A 219 -4.72 -8.73 23.75
CA GLN A 219 -3.46 -9.44 23.63
C GLN A 219 -3.10 -9.75 22.17
N GLY A 220 -4.08 -9.78 21.29
CA GLY A 220 -3.81 -9.97 19.88
C GLY A 220 -3.43 -8.67 19.19
N THR A 221 -4.23 -7.63 19.42
CA THR A 221 -3.91 -6.32 18.84
C THR A 221 -2.51 -5.89 19.23
N ARG A 222 -2.14 -6.07 20.51
CA ARG A 222 -0.77 -5.82 20.92
C ARG A 222 0.21 -6.62 20.08
N ALA A 223 -0.01 -7.93 19.99
CA ALA A 223 0.87 -8.79 19.21
C ALA A 223 0.91 -8.37 17.74
N LEU A 224 -0.26 -8.04 17.17
CA LEU A 224 -0.31 -7.65 15.77
C LEU A 224 0.40 -6.31 15.55
N LEU A 225 0.12 -5.33 16.41
CA LEU A 225 0.82 -4.05 16.30
C LEU A 225 2.32 -4.25 16.47
N GLN A 226 2.72 -5.04 17.47
CA GLN A 226 4.13 -5.37 17.64
C GLN A 226 4.72 -5.92 16.34
N THR A 227 3.98 -6.81 15.68
CA THR A 227 4.51 -7.51 14.51
C THR A 227 4.58 -6.59 13.29
N LEU A 228 3.52 -5.83 13.05
CA LEU A 228 3.52 -4.91 11.91
C LEU A 228 4.64 -3.89 12.03
N GLY A 229 4.89 -3.40 13.24
CA GLY A 229 5.95 -2.43 13.42
C GLY A 229 7.33 -3.01 13.13
N ASN A 230 7.60 -4.21 13.63
CA ASN A 230 8.89 -4.84 13.42
C ASN A 230 9.11 -5.26 11.97
N LEU A 231 8.03 -5.50 11.23
CA LEU A 231 8.15 -5.87 9.82
C LEU A 231 8.25 -4.66 8.91
N GLY A 232 8.00 -3.46 9.43
CA GLY A 232 8.14 -2.24 8.66
C GLY A 232 6.86 -1.65 8.14
N TYR A 233 5.71 -2.13 8.59
CA TYR A 233 4.41 -1.61 8.19
C TYR A 233 3.91 -0.61 9.22
N ARG A 234 3.03 0.29 8.78
CA ARG A 234 2.52 1.37 9.62
C ARG A 234 1.00 1.45 9.48
N ALA A 235 0.30 1.37 10.60
CA ALA A 235 -1.14 1.53 10.62
C ALA A 235 -1.51 2.99 10.87
N SER A 236 -2.68 3.39 10.38
CA SER A 236 -3.20 4.73 10.63
C SER A 236 -3.90 4.72 11.98
N ALA A 237 -3.34 5.44 12.95
CA ALA A 237 -3.98 5.55 14.25
C ALA A 237 -5.26 6.38 14.18
N LYS A 238 -5.31 7.35 13.26
CA LYS A 238 -6.50 8.17 13.13
C LYS A 238 -7.73 7.34 12.81
N LYS A 239 -7.55 6.21 12.13
CA LYS A 239 -8.67 5.38 11.68
C LYS A 239 -8.74 4.05 12.42
N ALA A 240 -7.81 3.77 13.31
CA ALA A 240 -7.82 2.49 14.01
C ALA A 240 -9.10 2.32 14.82
N GLN A 241 -9.59 1.09 14.86
CA GLN A 241 -10.76 0.71 15.66
C GLN A 241 -10.33 -0.49 16.49
N ILE A 242 -10.04 -0.26 17.77
CA ILE A 242 -9.34 -1.23 18.60
C ILE A 242 -10.33 -1.90 19.55
N CYS A 243 -10.25 -3.24 19.62
CA CYS A 243 -11.04 -4.05 20.54
C CYS A 243 -12.45 -3.51 20.72
N GLN A 244 -13.28 -3.70 19.70
CA GLN A 244 -14.65 -3.19 19.70
C GLN A 244 -15.62 -4.33 19.46
N LYS A 245 -16.88 -4.07 19.81
CA LYS A 245 -17.95 -5.04 19.58
C LYS A 245 -18.66 -4.82 18.26
N GLN A 246 -18.51 -3.63 17.67
CA GLN A 246 -19.00 -3.35 16.32
C GLN A 246 -17.98 -2.47 15.61
N VAL A 247 -17.68 -2.80 14.35
CA VAL A 247 -16.70 -2.07 13.57
C VAL A 247 -17.16 -2.01 12.11
N LYS A 248 -16.54 -1.10 11.36
CA LYS A 248 -16.81 -0.89 9.95
C LYS A 248 -15.64 -1.42 9.15
N TYR A 249 -15.86 -2.50 8.39
CA TYR A 249 -14.80 -3.17 7.63
C TYR A 249 -15.29 -3.42 6.22
N LEU A 250 -14.60 -2.82 5.24
CA LEU A 250 -14.90 -3.03 3.82
C LEU A 250 -16.35 -2.70 3.50
N GLY A 251 -16.82 -1.58 4.03
CA GLY A 251 -18.20 -1.17 3.83
C GLY A 251 -19.15 -1.82 4.81
N TYR A 252 -18.90 -3.08 5.15
CA TYR A 252 -19.77 -3.81 6.05
C TYR A 252 -19.61 -3.32 7.48
N LEU A 253 -20.73 -3.26 8.19
CA LEU A 253 -20.75 -3.00 9.62
C LEU A 253 -20.98 -4.32 10.35
N LEU A 254 -20.02 -4.73 11.16
CA LEU A 254 -20.04 -6.02 11.83
C LEU A 254 -20.39 -5.79 13.29
N LYS A 255 -21.56 -6.28 13.71
CA LYS A 255 -22.04 -6.09 15.08
C LYS A 255 -22.59 -7.42 15.57
N GLU A 256 -21.91 -8.00 16.56
CA GLU A 256 -22.30 -9.29 17.16
C GLU A 256 -22.01 -10.44 16.20
N GLY A 257 -22.37 -10.28 14.93
CA GLY A 257 -22.21 -11.33 13.95
C GLY A 257 -23.02 -11.04 12.70
N GLN A 258 -24.02 -10.17 12.83
CA GLN A 258 -24.83 -9.79 11.69
C GLN A 258 -23.95 -9.21 10.59
N ARG A 259 -24.37 -9.39 9.35
CA ARG A 259 -23.56 -9.06 8.18
C ARG A 259 -22.25 -9.85 8.22
C42 BLM D . -25.45 4.80 -22.92
C49 BLM D . -21.36 7.68 -29.90
O49 BLM D . -20.66 6.75 -30.24
C43 BLM D . -24.63 4.87 -24.20
C41 BLM D . -25.49 5.99 -21.97
S43 BLM D . -24.00 3.36 -24.83
C44 BLM D . -23.27 4.17 -26.17
C45 BLM D . -23.56 5.51 -26.01
NN BLM D . -24.31 5.93 -24.96
C47 BLM D . -22.73 8.61 -28.06
C48 BLM D . -22.13 7.51 -28.67
NO BLM D . -22.35 6.32 -28.05
C46 BLM D . -23.10 6.54 -26.97
S46 BLM D . -23.60 8.15 -26.64
NP BLM D . -21.46 8.82 -30.58
C50 BLM D . -20.74 9.05 -31.80
C51 BLM D . -21.54 8.70 -33.05
C52 BLM D . -21.10 7.35 -33.58
S53 BLM D . -19.56 7.46 -34.51
C55 BLM D . -19.81 6.68 -36.11
C54 BLM D . -19.04 9.16 -34.69
H2E BLM D . -26.37 4.61 -23.19
H2X BLM D . -25.13 4.04 -22.42
H44 BLM D . -22.76 3.79 -26.85
H47 BLM D . -22.66 9.47 -28.38
HNP BLM D . -21.98 9.44 -30.28
H501 BLM D . -19.92 8.52 -31.79
H502 BLM D . -20.47 9.97 -31.84
H511 BLM D . -22.49 8.68 -32.84
H512 BLM D . -21.41 9.38 -33.72
H521 BLM D . -21.80 6.99 -34.16
H522 BLM D . -21.00 6.73 -32.85
H53 BLM D . -18.70 6.89 -33.89
H551 BLM D . -20.42 7.21 -36.64
H552 BLM D . -20.17 5.79 -35.98
H553 BLM D . -18.95 6.62 -36.56
H541 BLM D . -19.67 9.65 -35.23
H542 BLM D . -18.96 9.58 -33.82
H543 BLM D . -18.17 9.18 -35.14
#